data_5WE7
#
_entry.id   5WE7
#
_cell.length_a   60.923
_cell.length_b   60.923
_cell.length_c   95.361
_cell.angle_alpha   90.000
_cell.angle_beta   90.000
_cell.angle_gamma   120.000
#
_symmetry.space_group_name_H-M   'P 32 2 1'
#
loop_
_entity.id
_entity.type
_entity.pdbx_description
1 polymer 'Polymerase acidic protein'
2 non-polymer 'MANGANESE (II) ION'
3 non-polymer '2-{(2R)-1-[2-(4-chlorophenoxy)-2-methylpropanoyl]pyrrolidin-2-yl}-5-hydroxy-6-oxo-1,6-dihydropyrimidine-4-carboxylic acid'
4 non-polymer D-MALATE
5 water water
#
_entity_poly.entity_id   1
_entity_poly.type   'polypeptide(L)'
_entity_poly.pdbx_seq_one_letter_code
;MEDFVRQCFNPMIVELAEKAMKEYGEDPKIETNKFAAICTHLEVCFMYSDGGSKHRFEIIEGRDRIMAWTVVNSICNTTG
VEKPKFLPDLYDYKENRFIEIGVTRREVHIYYLEKANKIKSEKTHIHIFSFTGEEMATKADYTLDEESRARIKTRLFTIR
QEMASRSLWDSFRQSERAAAELALVPR
;
_entity_poly.pdbx_strand_id   A
#
loop_
_chem_comp.id
_chem_comp.type
_chem_comp.name
_chem_comp.formula
G3K non-polymer '2-{(2R)-1-[2-(4-chlorophenoxy)-2-methylpropanoyl]pyrrolidin-2-yl}-5-hydroxy-6-oxo-1,6-dihydropyrimidine-4-carboxylic acid' 'C19 H20 Cl N3 O6'
MLT non-polymer D-MALATE 'C4 H6 O5'
MN non-polymer 'MANGANESE (II) ION' 'Mn 2'
#
# COMPACT_ATOMS: atom_id res chain seq x y z
N MET A 1 9.64 4.04 18.25
CA MET A 1 8.96 3.84 16.97
C MET A 1 9.83 3.02 16.02
N GLU A 2 11.10 3.41 15.89
CA GLU A 2 12.04 2.59 15.15
C GLU A 2 12.19 1.21 15.80
N ASP A 3 12.11 1.16 17.12
CA ASP A 3 12.12 -0.14 17.81
C ASP A 3 10.87 -0.95 17.48
N PHE A 4 9.72 -0.27 17.36
CA PHE A 4 8.48 -0.98 17.04
C PHE A 4 8.52 -1.57 15.64
N VAL A 5 9.06 -0.82 14.67
CA VAL A 5 9.04 -1.25 13.28
C VAL A 5 9.79 -2.57 13.12
N ARG A 6 11.01 -2.64 13.67
CA ARG A 6 11.80 -3.86 13.58
C ARG A 6 11.23 -4.99 14.43
N GLN A 7 10.34 -4.66 15.37
CA GLN A 7 9.73 -5.69 16.20
C GLN A 7 8.53 -6.34 15.53
N CYS A 8 7.68 -5.54 14.88
CA CYS A 8 6.41 -6.01 14.38
C CYS A 8 6.45 -6.43 12.91
N PHE A 9 7.53 -6.12 12.18
CA PHE A 9 7.57 -6.34 10.75
C PHE A 9 8.67 -7.33 10.39
N ASN A 10 8.41 -8.10 9.34
CA ASN A 10 9.39 -9.04 8.83
C ASN A 10 10.66 -8.29 8.42
N PRO A 11 11.85 -8.77 8.79
CA PRO A 11 13.08 -8.01 8.51
C PRO A 11 13.33 -7.75 7.03
N MET A 12 12.74 -8.54 6.13
CA MET A 12 12.87 -8.24 4.71
C MET A 12 12.04 -7.00 4.34
N ILE A 13 10.83 -6.89 4.88
CA ILE A 13 10.04 -5.68 4.68
C ILE A 13 10.75 -4.48 5.26
N VAL A 14 11.38 -4.65 6.43
CA VAL A 14 12.13 -3.56 7.04
C VAL A 14 13.27 -3.12 6.13
N GLU A 15 14.03 -4.09 5.61
CA GLU A 15 15.15 -3.77 4.74
C GLU A 15 14.69 -3.13 3.43
N LEU A 16 13.57 -3.63 2.88
CA LEU A 16 12.98 -3.00 1.70
C LEU A 16 12.61 -1.56 1.97
N ALA A 17 11.98 -1.30 3.13
CA ALA A 17 11.61 0.06 3.48
C ALA A 17 12.83 0.93 3.72
N GLU A 18 13.87 0.38 4.36
CA GLU A 18 15.11 1.13 4.55
C GLU A 18 15.77 1.43 3.21
N LYS A 19 15.84 0.42 2.33
CA LYS A 19 16.42 0.62 1.01
C LYS A 19 15.66 1.68 0.23
N ALA A 20 14.34 1.69 0.34
CA ALA A 20 13.53 2.67 -0.39
C ALA A 20 13.79 4.08 0.12
N MET A 21 13.80 4.27 1.45
CA MET A 21 13.97 5.62 2.00
C MET A 21 15.34 6.18 1.71
N LYS A 22 16.38 5.32 1.72
CA LYS A 22 17.73 5.81 1.44
C LYS A 22 17.85 6.27 -0.01
N GLU A 23 17.20 5.57 -0.95
CA GLU A 23 17.23 5.97 -2.35
C GLU A 23 16.55 7.30 -2.58
N TYR A 24 15.69 7.74 -1.66
CA TYR A 24 15.01 9.02 -1.77
C TYR A 24 15.54 10.04 -0.78
N GLY A 25 16.69 9.78 -0.16
CA GLY A 25 17.34 10.76 0.69
C GLY A 25 16.67 10.99 2.03
N GLU A 26 15.98 9.99 2.56
CA GLU A 26 15.30 10.09 3.84
C GLU A 26 15.95 9.15 4.85
N ASP A 27 16.10 9.63 6.09
CA ASP A 27 16.66 8.81 7.15
C ASP A 27 15.56 8.02 7.84
N PRO A 28 15.60 6.70 7.85
CA PRO A 28 14.59 5.93 8.58
C PRO A 28 14.62 6.17 10.07
N LYS A 29 15.77 6.55 10.63
CA LYS A 29 15.86 6.81 12.06
C LYS A 29 15.25 8.15 12.46
N ILE A 30 15.02 9.04 11.49
CA ILE A 30 14.42 10.35 11.76
C ILE A 30 12.96 10.39 11.33
N GLU A 31 12.67 10.06 10.07
CA GLU A 31 11.31 10.00 9.55
C GLU A 31 10.69 8.66 9.93
N THR A 32 10.46 8.51 11.23
CA THR A 32 10.02 7.22 11.76
C THR A 32 8.58 6.89 11.35
N ASN A 33 7.71 7.91 11.23
CA ASN A 33 6.33 7.65 10.85
C ASN A 33 6.24 7.18 9.40
N LYS A 34 7.01 7.80 8.51
CA LYS A 34 7.06 7.34 7.12
C LYS A 34 7.66 5.95 7.02
N PHE A 35 8.66 5.65 7.87
CA PHE A 35 9.24 4.32 7.91
C PHE A 35 8.19 3.26 8.20
N ALA A 36 7.39 3.48 9.26
CA ALA A 36 6.35 2.52 9.60
C ALA A 36 5.27 2.47 8.53
N ALA A 37 4.98 3.61 7.90
CA ALA A 37 3.93 3.65 6.90
C ALA A 37 4.34 2.92 5.63
N ILE A 38 5.61 3.00 5.26
CA ILE A 38 6.10 2.24 4.11
C ILE A 38 6.07 0.74 4.40
N CYS A 39 6.50 0.34 5.60
CA CYS A 39 6.44 -1.06 5.98
C CYS A 39 5.00 -1.58 5.96
N THR A 40 4.07 -0.79 6.51
CA THR A 40 2.68 -1.22 6.57
C THR A 40 2.10 -1.38 5.17
N HIS A 41 2.35 -0.41 4.30
CA HIS A 41 1.83 -0.47 2.94
C HIS A 41 2.43 -1.64 2.17
N LEU A 42 3.72 -1.92 2.38
CA LEU A 42 4.36 -3.04 1.72
C LEU A 42 3.77 -4.37 2.18
N GLU A 43 3.54 -4.52 3.49
CA GLU A 43 2.96 -5.75 4.00
C GLU A 43 1.58 -6.00 3.43
N VAL A 44 0.75 -4.95 3.34
CA VAL A 44 -0.59 -5.10 2.76
C VAL A 44 -0.49 -5.59 1.32
N CYS A 45 0.44 -5.03 0.55
CA CYS A 45 0.64 -5.48 -0.82
C CYS A 45 0.98 -6.96 -0.87
N PHE A 46 1.81 -7.43 0.07
CA PHE A 46 2.15 -8.85 0.12
C PHE A 46 0.95 -9.68 0.56
N MET A 47 0.20 -9.21 1.55
CA MET A 47 -0.99 -9.94 1.99
C MET A 47 -2.07 -9.94 0.93
N TYR A 48 -2.12 -8.90 0.09
CA TYR A 48 -3.12 -8.84 -0.97
C TYR A 48 -2.88 -9.94 -2.01
N SER A 49 -1.62 -10.14 -2.41
CA SER A 49 -1.32 -11.18 -3.40
C SER A 49 -1.59 -12.57 -2.83
N ASP A 50 -1.43 -12.76 -1.53
CA ASP A 50 -1.74 -14.05 -0.92
C ASP A 50 -3.22 -14.39 -1.01
N GLY A 51 -4.08 -13.38 -1.19
CA GLY A 51 -5.51 -13.61 -1.27
C GLY A 51 -5.96 -14.27 -2.56
N GLY A 52 -5.12 -14.28 -3.58
CA GLY A 52 -5.43 -14.90 -4.85
C GLY A 52 -4.58 -16.14 -5.10
N SER A 53 -4.77 -16.69 -6.29
CA SER A 53 -3.99 -17.85 -6.71
C SER A 53 -2.54 -17.44 -6.95
N LYS A 54 -1.68 -18.46 -7.11
CA LYS A 54 -0.28 -18.18 -7.44
C LYS A 54 -0.10 -17.67 -8.85
N HIS A 55 -1.14 -17.72 -9.69
CA HIS A 55 -1.12 -17.14 -11.02
C HIS A 55 -1.76 -15.76 -11.08
N ARG A 56 -2.25 -15.25 -9.95
CA ARG A 56 -3.24 -14.18 -9.97
C ARG A 56 -2.60 -12.80 -10.11
N PHE A 57 -1.68 -12.45 -9.22
CA PHE A 57 -1.19 -11.09 -9.13
C PHE A 57 0.29 -11.00 -9.48
N GLU A 58 0.68 -9.87 -10.04
CA GLU A 58 2.08 -9.48 -10.16
C GLU A 58 2.31 -8.29 -9.24
N ILE A 59 3.23 -8.46 -8.29
CA ILE A 59 3.49 -7.41 -7.32
C ILE A 59 4.47 -6.41 -7.92
N ILE A 60 4.03 -5.16 -8.05
CA ILE A 60 4.85 -4.10 -8.62
C ILE A 60 5.52 -3.27 -7.53
N GLU A 61 4.81 -3.02 -6.43
CA GLU A 61 5.38 -2.28 -5.31
C GLU A 61 6.58 -3.02 -4.72
N GLY A 62 7.49 -2.27 -4.12
CA GLY A 62 8.63 -2.84 -3.43
C GLY A 62 9.78 -3.24 -4.32
N ARG A 63 9.73 -2.91 -5.61
CA ARG A 63 10.80 -3.21 -6.54
C ARG A 63 11.41 -1.91 -7.06
N ASP A 64 12.60 -2.01 -7.63
CA ASP A 64 13.26 -0.86 -8.24
C ASP A 64 12.34 -0.23 -9.28
N ARG A 65 12.06 1.07 -9.09
CA ARG A 65 11.03 1.73 -9.88
C ARG A 65 11.33 1.68 -11.36
N ILE A 66 12.60 1.86 -11.73
CA ILE A 66 12.96 1.83 -13.15
C ILE A 66 12.68 0.44 -13.73
N MET A 67 13.06 -0.60 -13.00
CA MET A 67 12.76 -1.95 -13.47
C MET A 67 11.27 -2.26 -13.41
N ALA A 68 10.56 -1.69 -12.44
CA ALA A 68 9.12 -1.94 -12.33
C ALA A 68 8.36 -1.39 -13.54
N TRP A 69 8.92 -0.39 -14.22
CA TRP A 69 8.26 0.14 -15.42
C TRP A 69 8.44 -0.78 -16.61
N THR A 70 9.51 -1.56 -16.66
CA THR A 70 9.69 -2.50 -17.77
C THR A 70 8.66 -3.61 -17.70
N VAL A 71 8.34 -4.09 -16.50
CA VAL A 71 7.32 -5.13 -16.35
C VAL A 71 5.94 -4.56 -16.64
N VAL A 72 5.69 -3.32 -16.22
CA VAL A 72 4.45 -2.65 -16.58
C VAL A 72 4.33 -2.57 -18.10
N ASN A 73 5.44 -2.25 -18.78
CA ASN A 73 5.41 -2.18 -20.23
C ASN A 73 5.19 -3.55 -20.85
N SER A 74 5.87 -4.58 -20.33
CA SER A 74 5.68 -5.93 -20.85
C SER A 74 4.26 -6.41 -20.68
N ILE A 75 3.63 -6.04 -19.55
CA ILE A 75 2.24 -6.43 -19.31
C ILE A 75 1.32 -5.73 -20.30
N CYS A 76 1.52 -4.41 -20.48
CA CYS A 76 0.66 -3.66 -21.39
C CYS A 76 0.81 -4.12 -22.82
N ASN A 77 2.05 -4.43 -23.23
CA ASN A 77 2.27 -4.91 -24.59
C ASN A 77 1.61 -6.28 -24.80
N THR A 78 1.70 -7.16 -23.80
CA THR A 78 1.15 -8.50 -23.95
C THR A 78 -0.38 -8.49 -23.88
N THR A 79 -0.95 -7.82 -22.89
CA THR A 79 -2.38 -7.88 -22.64
C THR A 79 -3.18 -6.81 -23.37
N GLY A 80 -2.54 -5.72 -23.80
CA GLY A 80 -3.25 -4.62 -24.40
C GLY A 80 -3.85 -3.65 -23.43
N VAL A 81 -3.59 -3.80 -22.13
CA VAL A 81 -4.10 -2.86 -21.14
C VAL A 81 -3.43 -1.50 -21.34
N GLU A 82 -4.22 -0.44 -21.20
CA GLU A 82 -3.69 0.91 -21.31
C GLU A 82 -2.64 1.14 -20.23
N LYS A 83 -1.55 1.81 -20.60
CA LYS A 83 -0.46 2.03 -19.67
C LYS A 83 -0.86 3.08 -18.64
N PRO A 84 -0.63 2.84 -17.34
CA PRO A 84 -0.96 3.85 -16.34
C PRO A 84 0.05 4.97 -16.32
N LYS A 85 -0.41 6.14 -15.87
CA LYS A 85 0.47 7.31 -15.77
C LYS A 85 1.36 7.28 -14.53
N PHE A 86 0.96 6.54 -13.50
CA PHE A 86 1.78 6.35 -12.31
C PHE A 86 1.97 4.86 -12.05
N LEU A 87 3.09 4.53 -11.44
CA LEU A 87 3.40 3.14 -11.13
C LEU A 87 2.39 2.59 -10.14
N PRO A 88 1.60 1.56 -10.51
CA PRO A 88 0.64 0.99 -9.56
C PRO A 88 1.31 0.04 -8.58
N ASP A 89 0.51 -0.71 -7.81
CA ASP A 89 1.06 -1.63 -6.84
C ASP A 89 0.96 -3.09 -7.26
N LEU A 90 -0.10 -3.47 -7.97
CA LEU A 90 -0.28 -4.83 -8.45
C LEU A 90 -0.84 -4.80 -9.85
N TYR A 91 -0.68 -5.92 -10.55
CA TYR A 91 -1.46 -6.22 -11.75
C TYR A 91 -2.25 -7.48 -11.50
N ASP A 92 -3.55 -7.43 -11.81
CA ASP A 92 -4.45 -8.57 -11.65
C ASP A 92 -4.50 -9.33 -12.97
N TYR A 93 -3.91 -10.53 -13.00
CA TYR A 93 -3.91 -11.30 -14.24
C TYR A 93 -5.27 -11.88 -14.58
N LYS A 94 -6.17 -12.02 -13.59
CA LYS A 94 -7.49 -12.55 -13.88
C LYS A 94 -8.42 -11.48 -14.42
N GLU A 95 -8.56 -10.37 -13.69
CA GLU A 95 -9.37 -9.25 -14.16
C GLU A 95 -8.67 -8.40 -15.21
N ASN A 96 -7.38 -8.66 -15.45
CA ASN A 96 -6.57 -7.92 -16.41
C ASN A 96 -6.69 -6.41 -16.19
N ARG A 97 -6.24 -5.99 -15.01
CA ARG A 97 -6.25 -4.58 -14.63
C ARG A 97 -5.19 -4.35 -13.57
N PHE A 98 -4.66 -3.13 -13.55
CA PHE A 98 -3.74 -2.75 -12.49
C PHE A 98 -4.52 -2.34 -11.25
N ILE A 99 -3.85 -2.41 -10.10
CA ILE A 99 -4.47 -2.11 -8.81
C ILE A 99 -3.60 -1.11 -8.07
N GLU A 100 -4.22 -0.09 -7.50
CA GLU A 100 -3.56 0.80 -6.55
C GLU A 100 -4.06 0.47 -5.15
N ILE A 101 -3.13 0.17 -4.24
CA ILE A 101 -3.47 -0.14 -2.86
C ILE A 101 -3.23 1.10 -2.01
N GLY A 102 -4.23 1.48 -1.23
CA GLY A 102 -4.13 2.59 -0.30
C GLY A 102 -4.25 2.09 1.12
N VAL A 103 -3.35 2.58 1.98
CA VAL A 103 -3.41 2.34 3.42
C VAL A 103 -3.32 3.70 4.09
N THR A 104 -4.36 4.08 4.82
CA THR A 104 -4.46 5.43 5.34
C THR A 104 -4.92 5.43 6.78
N ARG A 105 -4.48 6.45 7.52
CA ARG A 105 -4.99 6.74 8.85
C ARG A 105 -6.07 7.81 8.82
N ARG A 106 -6.38 8.34 7.65
CA ARG A 106 -7.48 9.29 7.48
C ARG A 106 -8.76 8.49 7.18
N GLU A 107 -9.78 9.17 6.69
CA GLU A 107 -11.01 8.49 6.29
C GLU A 107 -10.81 7.83 4.93
N VAL A 108 -11.47 6.68 4.75
CA VAL A 108 -11.22 5.86 3.56
C VAL A 108 -11.78 6.54 2.31
N HIS A 109 -12.97 7.15 2.41
CA HIS A 109 -13.56 7.74 1.20
C HIS A 109 -12.87 9.04 0.79
N ILE A 110 -12.36 9.81 1.76
CA ILE A 110 -11.56 10.98 1.41
C ILE A 110 -10.27 10.55 0.74
N TYR A 111 -9.62 9.51 1.28
CA TYR A 111 -8.39 9.00 0.68
C TYR A 111 -8.63 8.44 -0.70
N TYR A 112 -9.74 7.70 -0.88
CA TYR A 112 -10.10 7.22 -2.20
C TYR A 112 -10.24 8.38 -3.18
N LEU A 113 -10.90 9.47 -2.75
CA LEU A 113 -11.12 10.60 -3.64
C LEU A 113 -9.81 11.23 -4.09
N GLU A 114 -8.83 11.30 -3.19
CA GLU A 114 -7.54 11.87 -3.55
C GLU A 114 -6.79 10.97 -4.53
N LYS A 115 -6.80 9.66 -4.28
CA LYS A 115 -6.17 8.73 -5.22
C LYS A 115 -6.86 8.77 -6.58
N ALA A 116 -8.20 8.80 -6.58
CA ALA A 116 -8.95 8.77 -7.83
C ALA A 116 -8.67 10.01 -8.66
N ASN A 117 -8.51 11.16 -8.02
CA ASN A 117 -8.18 12.38 -8.75
C ASN A 117 -6.72 12.38 -9.22
N LYS A 118 -5.82 11.85 -8.40
CA LYS A 118 -4.41 11.84 -8.77
C LYS A 118 -4.13 10.78 -9.83
N ILE A 119 -4.64 9.57 -9.63
CA ILE A 119 -4.47 8.51 -10.62
C ILE A 119 -5.09 8.95 -11.95
N LYS A 120 -6.33 9.43 -11.90
CA LYS A 120 -7.04 10.02 -13.05
C LYS A 120 -6.84 9.23 -14.33
N SER A 121 -6.85 7.90 -14.23
CA SER A 121 -6.59 7.02 -15.37
C SER A 121 -7.82 6.30 -15.88
N GLU A 122 -8.74 5.91 -14.99
CA GLU A 122 -9.80 4.96 -15.28
C GLU A 122 -9.18 3.60 -15.59
N LYS A 123 -9.90 2.52 -15.27
CA LYS A 123 -9.47 1.13 -15.45
C LYS A 123 -8.32 0.73 -14.53
N THR A 124 -7.77 1.65 -13.74
CA THR A 124 -6.85 1.28 -12.67
C THR A 124 -7.67 1.14 -11.39
N HIS A 125 -7.71 -0.07 -10.84
CA HIS A 125 -8.54 -0.36 -9.69
C HIS A 125 -7.92 0.20 -8.41
N ILE A 126 -8.77 0.74 -7.55
CA ILE A 126 -8.34 1.33 -6.28
C ILE A 126 -8.96 0.52 -5.15
N HIS A 127 -8.15 0.14 -4.18
CA HIS A 127 -8.62 -0.52 -2.96
C HIS A 127 -7.94 0.12 -1.77
N ILE A 128 -8.74 0.74 -0.89
CA ILE A 128 -8.24 1.46 0.27
C ILE A 128 -8.54 0.66 1.53
N PHE A 129 -7.57 0.58 2.43
CA PHE A 129 -7.76 0.02 3.75
C PHE A 129 -7.40 1.06 4.80
N SER A 130 -8.06 0.99 5.94
CA SER A 130 -7.76 1.85 7.08
C SER A 130 -7.35 1.00 8.27
N PHE A 131 -6.86 1.66 9.31
CA PHE A 131 -6.52 0.99 10.56
C PHE A 131 -7.73 0.79 11.47
N THR A 132 -8.92 1.17 10.99
CA THR A 132 -10.16 0.99 11.75
C THR A 132 -11.03 -0.10 11.15
N GLY A 133 -10.45 -1.02 10.38
CA GLY A 133 -11.23 -2.11 9.81
C GLY A 133 -12.16 -1.70 8.70
N GLU A 134 -11.99 -0.52 8.12
CA GLU A 134 -12.78 -0.07 6.99
C GLU A 134 -12.03 -0.27 5.69
N GLU A 135 -12.78 -0.39 4.61
CA GLU A 135 -12.20 -0.55 3.29
C GLU A 135 -13.13 0.05 2.25
N MET A 136 -12.56 0.42 1.11
CA MET A 136 -13.32 0.99 0.00
C MET A 136 -12.61 0.64 -1.29
N ALA A 137 -13.34 0.04 -2.23
CA ALA A 137 -12.80 -0.37 -3.51
C ALA A 137 -13.66 0.19 -4.63
N THR A 138 -13.04 0.30 -5.81
CA THR A 138 -13.70 0.88 -6.97
C THR A 138 -14.94 0.07 -7.35
N LYS A 139 -16.09 0.74 -7.38
CA LYS A 139 -17.36 0.13 -7.79
C LYS A 139 -17.74 -1.05 -6.91
N ALA A 140 -17.36 -1.00 -5.63
CA ALA A 140 -17.66 -2.04 -4.64
C ALA A 140 -17.13 -3.41 -5.03
N ASP A 141 -16.13 -3.45 -5.91
CA ASP A 141 -15.48 -4.69 -6.34
C ASP A 141 -14.21 -4.85 -5.52
N TYR A 142 -14.27 -5.69 -4.48
CA TYR A 142 -13.18 -5.85 -3.53
C TYR A 142 -12.16 -6.90 -3.96
N THR A 143 -12.31 -7.47 -5.16
CA THR A 143 -11.35 -8.39 -5.76
C THR A 143 -11.16 -9.68 -4.97
N LEU A 144 -10.67 -9.59 -3.74
CA LEU A 144 -10.38 -10.76 -2.93
C LEU A 144 -11.64 -11.26 -2.23
N ASP A 145 -11.59 -12.51 -1.78
CA ASP A 145 -12.68 -13.03 -0.98
C ASP A 145 -12.66 -12.39 0.42
N GLU A 146 -13.73 -12.65 1.17
CA GLU A 146 -13.93 -11.97 2.44
C GLU A 146 -12.84 -12.33 3.45
N GLU A 147 -12.41 -13.58 3.46
CA GLU A 147 -11.43 -14.04 4.45
C GLU A 147 -10.05 -13.41 4.19
N SER A 148 -9.71 -13.19 2.93
CA SER A 148 -8.42 -12.58 2.61
C SER A 148 -8.36 -11.12 3.06
N ARG A 149 -9.44 -10.37 2.87
CA ARG A 149 -9.45 -8.99 3.31
C ARG A 149 -9.58 -8.88 4.82
N ALA A 150 -10.26 -9.84 5.46
CA ALA A 150 -10.33 -9.86 6.92
C ALA A 150 -8.94 -9.96 7.53
N ARG A 151 -8.07 -10.76 6.93
CA ARG A 151 -6.70 -10.88 7.41
C ARG A 151 -5.97 -9.54 7.35
N ILE A 152 -6.23 -8.76 6.30
CA ILE A 152 -5.57 -7.46 6.16
C ILE A 152 -6.11 -6.46 7.18
N LYS A 153 -7.43 -6.38 7.31
CA LYS A 153 -8.01 -5.46 8.29
C LYS A 153 -7.56 -5.79 9.69
N THR A 154 -7.55 -7.08 10.04
CA THR A 154 -7.12 -7.49 11.37
C THR A 154 -5.66 -7.13 11.63
N ARG A 155 -4.80 -7.35 10.64
CA ARG A 155 -3.39 -6.99 10.77
C ARG A 155 -3.22 -5.49 11.01
N LEU A 156 -3.95 -4.68 10.25
CA LEU A 156 -3.86 -3.23 10.41
C LEU A 156 -4.41 -2.78 11.76
N PHE A 157 -5.54 -3.35 12.18
CA PHE A 157 -6.07 -3.06 13.50
C PHE A 157 -5.10 -3.50 14.59
N THR A 158 -4.42 -4.62 14.38
CA THR A 158 -3.41 -5.09 15.34
C THR A 158 -2.27 -4.08 15.44
N ILE A 159 -1.77 -3.60 14.31
CA ILE A 159 -0.70 -2.60 14.31
C ILE A 159 -1.15 -1.36 15.05
N ARG A 160 -2.36 -0.88 14.79
CA ARG A 160 -2.88 0.29 15.47
C ARG A 160 -2.91 0.10 16.98
N GLN A 161 -3.40 -1.06 17.43
CA GLN A 161 -3.56 -1.29 18.87
C GLN A 161 -2.22 -1.29 19.57
N GLU A 162 -1.19 -1.87 18.95
CA GLU A 162 0.10 -2.01 19.62
C GLU A 162 0.88 -0.70 19.54
N MET A 163 0.66 0.08 18.49
CA MET A 163 1.11 1.47 18.50
C MET A 163 0.39 2.27 19.58
N ALA A 164 -0.91 2.03 19.75
CA ALA A 164 -1.67 2.75 20.78
C ALA A 164 -1.19 2.40 22.18
N SER A 165 -0.69 1.17 22.37
CA SER A 165 -0.17 0.78 23.68
C SER A 165 1.21 1.35 23.96
N ARG A 166 1.94 1.80 22.93
CA ARG A 166 3.22 2.48 23.10
C ARG A 166 3.10 3.99 22.97
N SER A 167 1.89 4.54 22.97
CA SER A 167 1.64 5.98 22.80
C SER A 167 2.17 6.51 21.47
N LEU A 168 2.31 5.64 20.46
CA LEU A 168 2.82 6.03 19.16
C LEU A 168 1.73 6.29 18.13
N TRP A 169 0.48 5.92 18.43
CA TRP A 169 -0.56 5.97 17.39
C TRP A 169 -0.92 7.39 17.02
N ASP A 170 -1.12 8.26 18.01
CA ASP A 170 -1.61 9.60 17.72
C ASP A 170 -0.61 10.39 16.87
N SER A 171 0.68 10.20 17.11
CA SER A 171 1.68 10.83 16.25
C SER A 171 1.65 10.22 14.85
N PHE A 172 1.42 8.91 14.76
CA PHE A 172 1.33 8.25 13.46
C PHE A 172 0.14 8.76 12.66
N ARG A 173 -1.01 8.91 13.31
CA ARG A 173 -2.20 9.38 12.62
C ARG A 173 -2.04 10.82 12.16
N GLN A 174 -1.51 11.69 13.01
CA GLN A 174 -1.38 13.10 12.67
C GLN A 174 -0.33 13.35 11.61
N SER A 175 0.62 12.43 11.41
CA SER A 175 1.69 12.66 10.46
C SER A 175 1.18 12.66 9.02
N GLU A 176 0.21 11.78 8.72
CA GLU A 176 -0.35 11.75 7.37
C GLU A 176 -1.10 13.06 7.08
N ARG A 177 -1.80 13.60 8.07
CA ARG A 177 -2.45 14.90 7.89
C ARG A 177 -1.41 15.99 7.72
N ALA A 178 -0.31 15.91 8.48
CA ALA A 178 0.77 16.89 8.31
C ALA A 178 1.38 16.78 6.92
N ALA A 179 1.58 15.55 6.44
CA ALA A 179 2.09 15.38 5.08
C ALA A 179 1.09 15.89 4.05
N ALA A 180 -0.20 15.71 4.31
CA ALA A 180 -1.22 16.18 3.38
C ALA A 180 -1.34 17.70 3.38
N GLU A 181 -1.07 18.35 4.52
CA GLU A 181 -1.24 19.79 4.61
C GLU A 181 -0.15 20.53 3.83
N LEU A 182 1.09 20.06 3.93
CA LEU A 182 2.21 20.73 3.28
C LEU A 182 2.09 20.60 1.77
N ALA A 183 1.71 21.69 1.11
CA ALA A 183 1.54 21.68 -0.35
C ALA A 183 1.76 23.07 -0.93
MN MN B . -0.24 2.14 -2.97
MN MN C . 2.84 1.92 -4.93
C1 G3K D . 0.91 4.63 -2.13
C10 G3K D . 2.80 6.97 1.26
C11 G3K D . 2.26 6.37 2.55
C12 G3K D . 3.41 5.66 3.22
C13 G3K D . 1.15 5.37 2.22
C14 G3K D . 2.47 8.22 4.14
C15 G3K D . 3.46 8.97 3.54
C16 G3K D . 4.20 9.86 4.30
C17 G3K D . 3.96 9.98 5.65
C18 G3K D . 2.97 9.23 6.26
C19 G3K D . 2.23 8.35 5.49
C2 G3K D . 1.90 4.30 -3.06
C3 G3K D . 2.96 5.12 -3.25
C4 G3K D . 4.03 4.79 -4.25
C5 G3K D . 2.17 6.62 -1.68
C6 G3K D . 2.38 7.92 -0.93
C7 G3K D . 1.47 9.09 -1.34
C8 G3K D . 0.23 8.86 -0.49
C9 G3K D . 0.84 8.54 0.85
N1 G3K D . 3.09 6.27 -2.57
N2 G3K D . 2.04 7.78 0.50
N3 G3K D . 1.09 5.82 -1.44
O1 G3K D . -0.09 3.93 -1.89
O2 G3K D . 1.71 3.14 -3.72
O3 G3K D . 5.01 5.55 -4.31
O4 G3K D . 3.87 3.79 -4.98
O5 G3K D . 1.68 7.30 3.48
O6 G3K D . 3.95 6.71 0.92
CL1 G3K D . 4.89 11.10 6.60
C1 MLT E . 3.57 -14.83 -6.70
O1 MLT E . 2.78 -15.14 -5.78
O2 MLT E . 4.73 -15.32 -6.72
C2 MLT E . 3.16 -13.87 -7.77
O3 MLT E . 2.24 -12.95 -7.24
C3 MLT E . 2.51 -14.64 -8.91
C4 MLT E . 3.17 -14.34 -10.23
O4 MLT E . 3.52 -15.26 -11.00
O5 MLT E . 3.38 -13.15 -10.59
#